data_3ROB
#
_entry.id   3ROB
#
_cell.length_a   68.098
_cell.length_b   68.098
_cell.length_c   124.520
_cell.angle_alpha   90.00
_cell.angle_beta   90.00
_cell.angle_gamma   120.00
#
_symmetry.space_group_name_H-M   'P 31'
#
loop_
_entity.id
_entity.type
_entity.pdbx_description
1 polymer 'uncharacterized conserved protein'
2 non-polymer GLYCEROL
3 water water
#
_entity_poly.entity_id   1
_entity_poly.type   'polypeptide(L)'
_entity_poly.pdbx_seq_one_letter_code
;SNA(MSE)SGNVGAGRHADELAIRTVQYRWLEATRKFDRQVLSSL(MSE)TDDVVFLTPGRLPFGKEEFLAACEQNDQRV
IIEASATFEEIVIVEP(MSE)AYTRTHLHIKVTPRSGGAVRELAGHA(MSE)SIFRRS(MSE)FGEWQLARDANLVVPI
;
_entity_poly.pdbx_strand_id   A,B,C,D
#
loop_
_chem_comp.id
_chem_comp.type
_chem_comp.name
_chem_comp.formula
GOL non-polymer GLYCEROL 'C3 H8 O3'
#
# COMPACT_ATOMS: atom_id res chain seq x y z
N GLY A 9 1.12 -1.25 -17.53
CA GLY A 9 1.76 -1.33 -16.22
C GLY A 9 1.68 -0.04 -15.44
N ALA A 10 2.09 1.06 -16.08
CA ALA A 10 2.11 2.37 -15.42
C ALA A 10 0.76 2.72 -14.79
N GLY A 11 -0.32 2.38 -15.49
CA GLY A 11 -1.68 2.67 -15.03
C GLY A 11 -2.05 1.90 -13.78
N ARG A 12 -1.87 0.59 -13.84
CA ARG A 12 -2.06 -0.26 -12.67
C ARG A 12 -1.22 0.24 -11.50
N HIS A 13 0.05 0.54 -11.74
CA HIS A 13 0.93 0.94 -10.63
C HIS A 13 0.44 2.22 -9.96
N ALA A 14 0.01 3.18 -10.78
CA ALA A 14 -0.48 4.45 -10.27
C ALA A 14 -1.76 4.27 -9.46
N ASP A 15 -2.63 3.40 -9.95
CA ASP A 15 -3.86 3.12 -9.22
C ASP A 15 -3.55 2.45 -7.88
N GLU A 16 -2.62 1.50 -7.90
CA GLU A 16 -2.25 0.82 -6.65
C GLU A 16 -1.71 1.84 -5.66
N LEU A 17 -0.88 2.75 -6.16
CA LEU A 17 -0.32 3.78 -5.29
C LEU A 17 -1.43 4.63 -4.68
N ALA A 18 -2.40 5.02 -5.50
CA ALA A 18 -3.51 5.85 -4.99
C ALA A 18 -4.37 5.13 -3.96
N ILE A 19 -4.62 3.85 -4.20
CA ILE A 19 -5.41 3.08 -3.23
C ILE A 19 -4.67 2.90 -1.91
N ARG A 20 -3.38 2.61 -1.98
CA ARG A 20 -2.58 2.49 -0.76
C ARG A 20 -2.54 3.82 -0.01
N THR A 21 -2.55 4.91 -0.78
CA THR A 21 -2.61 6.24 -0.17
C THR A 21 -3.89 6.40 0.64
N VAL A 22 -5.03 5.98 0.08
CA VAL A 22 -6.28 6.02 0.83
C VAL A 22 -6.14 5.19 2.10
N GLN A 23 -5.59 3.98 1.98
CA GLN A 23 -5.51 3.11 3.15
C GLN A 23 -4.65 3.71 4.27
N TYR A 24 -3.51 4.28 3.90
CA TYR A 24 -2.65 4.93 4.89
C TYR A 24 -3.32 6.16 5.50
N ARG A 25 -3.98 6.98 4.68
CA ARG A 25 -4.67 8.14 5.22
C ARG A 25 -5.78 7.75 6.18
N TRP A 26 -6.45 6.64 5.88
CA TRP A 26 -7.52 6.14 6.73
C TRP A 26 -6.96 5.76 8.10
N LEU A 27 -5.84 5.03 8.09
CA LEU A 27 -5.20 4.63 9.33
C LEU A 27 -4.79 5.84 10.17
N GLU A 28 -4.17 6.84 9.53
CA GLU A 28 -3.74 8.04 10.26
C GLU A 28 -4.91 8.82 10.84
N ALA A 29 -6.02 8.87 10.11
CA ALA A 29 -7.20 9.62 10.54
C ALA A 29 -8.01 8.83 11.56
N THR A 30 -7.58 7.61 11.86
CA THR A 30 -8.13 6.84 12.98
C THR A 30 -7.24 6.94 14.23
N ARG A 31 -5.92 6.82 14.04
CA ARG A 31 -5.00 6.99 15.16
C ARG A 31 -5.12 8.37 15.77
N LYS A 32 -5.20 9.38 14.92
CA LYS A 32 -5.47 10.73 15.35
C LYS A 32 -6.77 11.15 14.65
N PHE A 33 -7.87 11.06 15.36
CA PHE A 33 -9.17 11.13 14.71
C PHE A 33 -9.36 12.42 13.91
N ASP A 34 -9.75 12.26 12.66
CA ASP A 34 -10.02 13.39 11.78
C ASP A 34 -11.25 13.06 10.95
N ARG A 35 -12.41 13.56 11.40
N ARG A 35 -12.40 13.57 11.39
CA ARG A 35 -13.68 13.29 10.73
CA ARG A 35 -13.67 13.27 10.74
C ARG A 35 -13.67 13.75 9.27
C ARG A 35 -13.70 13.76 9.28
N GLN A 36 -13.17 14.95 9.03
CA GLN A 36 -13.18 15.52 7.70
C GLN A 36 -12.38 14.67 6.73
N VAL A 37 -11.20 14.22 7.16
CA VAL A 37 -10.40 13.39 6.29
C VAL A 37 -11.09 12.05 6.04
N LEU A 38 -11.54 11.37 7.11
CA LEU A 38 -12.21 10.07 6.91
C LEU A 38 -13.38 10.20 5.95
N SER A 39 -14.20 11.22 6.15
CA SER A 39 -15.39 11.39 5.32
C SER A 39 -15.02 11.46 3.84
N SER A 40 -13.94 12.17 3.54
CA SER A 40 -13.48 12.34 2.15
C SER A 40 -12.97 11.05 1.51
N LEU A 41 -12.64 10.04 2.34
CA LEU A 41 -12.03 8.82 1.82
C LEU A 41 -13.05 7.76 1.43
N MSE A 42 -14.32 8.00 1.73
CA MSE A 42 -15.35 7.00 1.47
C MSE A 42 -16.45 7.58 0.59
O MSE A 42 -16.75 8.78 0.65
CB MSE A 42 -15.92 6.46 2.78
CG MSE A 42 -16.58 7.50 3.65
SE MSE A 42 -17.00 6.85 5.46
CE MSE A 42 -15.25 7.00 6.29
N THR A 43 -17.04 6.71 -0.23
CA THR A 43 -18.16 7.13 -1.06
C THR A 43 -19.40 7.45 -0.21
N ASP A 44 -20.31 8.26 -0.77
CA ASP A 44 -21.51 8.58 0.00
C ASP A 44 -22.35 7.33 0.26
N ASP A 45 -22.29 6.37 -0.67
CA ASP A 45 -23.07 5.14 -0.53
C ASP A 45 -22.32 4.01 0.17
N VAL A 46 -21.24 4.34 0.86
CA VAL A 46 -20.39 3.30 1.47
C VAL A 46 -21.20 2.36 2.38
N VAL A 47 -20.83 1.09 2.38
CA VAL A 47 -21.45 0.12 3.28
C VAL A 47 -20.35 -0.62 4.02
N PHE A 48 -20.47 -0.67 5.34
CA PHE A 48 -19.56 -1.39 6.22
C PHE A 48 -20.24 -2.63 6.76
N LEU A 49 -19.49 -3.73 6.80
CA LEU A 49 -19.93 -4.96 7.45
C LEU A 49 -18.92 -5.36 8.50
N THR A 50 -19.44 -5.78 9.66
CA THR A 50 -18.65 -6.38 10.73
C THR A 50 -19.46 -7.55 11.28
N PRO A 51 -18.79 -8.51 11.95
CA PRO A 51 -19.54 -9.70 12.36
C PRO A 51 -20.53 -9.40 13.47
N GLY A 52 -21.73 -10.00 13.39
CA GLY A 52 -22.71 -9.84 14.42
C GLY A 52 -23.46 -8.51 14.39
N ARG A 53 -23.42 -7.82 13.26
CA ARG A 53 -24.03 -6.51 13.16
C ARG A 53 -24.64 -6.32 11.78
N LEU A 54 -25.71 -5.53 11.69
CA LEU A 54 -26.26 -5.16 10.38
C LEU A 54 -25.34 -4.21 9.65
N PRO A 55 -25.43 -4.20 8.30
CA PRO A 55 -24.64 -3.26 7.51
C PRO A 55 -24.91 -1.84 7.96
N PHE A 56 -23.90 -1.00 7.91
CA PHE A 56 -24.07 0.42 8.25
C PHE A 56 -23.35 1.34 7.28
N GLY A 57 -23.76 2.61 7.26
CA GLY A 57 -23.25 3.55 6.27
C GLY A 57 -22.37 4.66 6.81
N LYS A 58 -22.19 5.68 5.99
CA LYS A 58 -21.19 6.74 6.21
C LYS A 58 -21.42 7.49 7.52
N GLU A 59 -22.61 8.03 7.72
CA GLU A 59 -22.88 8.79 8.93
C GLU A 59 -22.81 7.94 10.20
N GLU A 60 -23.30 6.71 10.15
CA GLU A 60 -23.18 5.80 11.28
C GLU A 60 -21.71 5.53 11.62
N PHE A 61 -20.91 5.21 10.62
CA PHE A 61 -19.50 4.96 10.83
C PHE A 61 -18.82 6.17 11.48
N LEU A 62 -19.02 7.35 10.91
CA LEU A 62 -18.34 8.55 11.40
C LEU A 62 -18.76 8.92 12.82
N ALA A 63 -20.05 8.81 13.09
CA ALA A 63 -20.58 9.07 14.44
C ALA A 63 -19.93 8.15 15.46
N ALA A 64 -19.83 6.87 15.13
CA ALA A 64 -19.23 5.90 16.04
C ALA A 64 -17.75 6.20 16.27
N CYS A 65 -17.02 6.48 15.20
CA CYS A 65 -15.60 6.83 15.32
C CYS A 65 -15.40 8.02 16.23
N GLU A 66 -16.24 9.03 16.06
CA GLU A 66 -16.16 10.26 16.83
C GLU A 66 -16.39 9.97 18.32
N GLN A 67 -17.45 9.21 18.61
CA GLN A 67 -17.77 8.87 19.99
C GLN A 67 -16.67 8.03 20.60
N ASN A 68 -16.20 7.03 19.83
CA ASN A 68 -15.11 6.17 20.27
C ASN A 68 -13.86 6.96 20.63
N ASP A 69 -13.52 7.94 19.79
CA ASP A 69 -12.34 8.75 20.03
C ASP A 69 -12.45 9.55 21.33
N GLN A 70 -13.67 9.89 21.72
CA GLN A 70 -13.88 10.60 22.98
C GLN A 70 -13.47 9.73 24.16
N ARG A 71 -13.54 8.42 23.97
CA ARG A 71 -13.39 7.46 25.06
C ARG A 71 -12.04 6.71 25.08
N VAL A 72 -11.46 6.50 23.91
CA VAL A 72 -10.28 5.65 23.81
C VAL A 72 -9.22 6.17 22.86
N ILE A 73 -8.00 5.70 23.07
CA ILE A 73 -6.87 5.92 22.18
C ILE A 73 -6.68 4.67 21.34
N ILE A 74 -6.52 4.87 20.03
CA ILE A 74 -6.40 3.75 19.11
C ILE A 74 -5.01 3.70 18.48
N GLU A 75 -4.40 2.52 18.55
CA GLU A 75 -3.22 2.22 17.76
C GLU A 75 -3.60 1.13 16.78
N ALA A 76 -3.11 1.24 15.56
CA ALA A 76 -3.44 0.28 14.52
C ALA A 76 -2.23 -0.01 13.63
N SER A 77 -2.02 -1.29 13.36
CA SER A 77 -0.94 -1.71 12.49
C SER A 77 -1.51 -2.61 11.41
N ALA A 78 -1.16 -2.29 10.17
CA ALA A 78 -1.69 -2.99 9.02
C ALA A 78 -0.61 -3.75 8.30
N THR A 79 -0.97 -4.94 7.82
CA THR A 79 -0.13 -5.70 6.92
C THR A 79 -0.94 -5.91 5.65
N PHE A 80 -0.50 -5.29 4.56
CA PHE A 80 -1.26 -5.31 3.31
C PHE A 80 -0.94 -6.59 2.56
N GLU A 81 -1.99 -7.26 2.08
CA GLU A 81 -1.83 -8.55 1.44
C GLU A 81 -2.10 -8.51 -0.05
N GLU A 82 -3.06 -7.70 -0.49
CA GLU A 82 -3.27 -7.57 -1.91
C GLU A 82 -4.06 -6.32 -2.30
N ILE A 83 -3.79 -5.84 -3.50
CA ILE A 83 -4.65 -4.91 -4.21
C ILE A 83 -4.82 -5.45 -5.62
N VAL A 84 -6.06 -5.54 -6.09
CA VAL A 84 -6.34 -5.95 -7.46
C VAL A 84 -7.19 -4.87 -8.10
N ILE A 85 -6.73 -4.33 -9.22
CA ILE A 85 -7.47 -3.30 -9.92
C ILE A 85 -8.26 -3.86 -11.10
N VAL A 86 -9.55 -3.55 -11.18
CA VAL A 86 -10.35 -3.84 -12.37
C VAL A 86 -11.11 -2.56 -12.61
N GLU A 87 -10.44 -1.61 -13.26
CA GLU A 87 -10.92 -0.24 -13.27
C GLU A 87 -12.33 -0.18 -13.84
N PRO A 88 -13.18 0.67 -13.26
CA PRO A 88 -12.85 1.65 -12.22
C PRO A 88 -13.07 1.15 -10.80
N MSE A 89 -12.95 -0.16 -10.57
CA MSE A 89 -13.04 -0.70 -9.22
C MSE A 89 -11.74 -1.36 -8.83
O MSE A 89 -10.87 -1.57 -9.66
CB MSE A 89 -14.16 -1.74 -9.16
CG MSE A 89 -15.32 -1.28 -9.95
SE MSE A 89 -16.21 0.08 -8.93
CE MSE A 89 -17.34 -1.24 -8.11
N ALA A 90 -11.61 -1.67 -7.55
CA ALA A 90 -10.47 -2.42 -7.06
C ALA A 90 -10.89 -3.16 -5.80
N TYR A 91 -10.21 -4.25 -5.51
CA TYR A 91 -10.46 -4.95 -4.25
C TYR A 91 -9.16 -5.25 -3.53
N THR A 92 -9.22 -5.23 -2.20
CA THR A 92 -8.02 -5.33 -1.37
C THR A 92 -8.21 -6.28 -0.22
N ARG A 93 -7.09 -6.77 0.33
CA ARG A 93 -7.09 -7.53 1.56
C ARG A 93 -5.96 -7.03 2.45
N THR A 94 -6.27 -6.88 3.73
CA THR A 94 -5.35 -6.33 4.70
C THR A 94 -5.53 -7.07 6.02
N HIS A 95 -4.43 -7.34 6.73
CA HIS A 95 -4.55 -7.79 8.11
C HIS A 95 -4.37 -6.61 9.05
N LEU A 96 -5.20 -6.54 10.08
CA LEU A 96 -5.15 -5.42 11.03
C LEU A 96 -4.94 -5.93 12.46
N HIS A 97 -4.09 -5.23 13.20
CA HIS A 97 -3.98 -5.42 14.64
C HIS A 97 -4.30 -4.08 15.30
N ILE A 98 -5.25 -4.09 16.23
CA ILE A 98 -5.71 -2.87 16.86
C ILE A 98 -5.52 -2.97 18.37
N LYS A 99 -4.99 -1.90 18.96
CA LYS A 99 -4.92 -1.79 20.42
C LYS A 99 -5.73 -0.58 20.89
N VAL A 100 -6.62 -0.84 21.83
CA VAL A 100 -7.55 0.18 22.32
C VAL A 100 -7.25 0.50 23.78
N THR A 101 -6.90 1.75 24.05
CA THR A 101 -6.54 2.17 25.41
C THR A 101 -7.54 3.19 25.92
N PRO A 102 -8.35 2.81 26.92
CA PRO A 102 -9.32 3.73 27.52
C PRO A 102 -8.63 4.97 28.08
N ARG A 103 -9.16 6.13 27.75
CA ARG A 103 -8.61 7.38 28.28
C ARG A 103 -8.80 7.46 29.81
N SER A 104 -9.79 6.73 30.31
CA SER A 104 -10.13 6.75 31.73
C SER A 104 -9.09 6.08 32.60
N GLY A 105 -8.29 5.20 31.99
CA GLY A 105 -7.33 4.41 32.73
C GLY A 105 -7.75 2.94 32.84
N GLY A 106 -8.90 2.61 32.23
CA GLY A 106 -9.36 1.24 32.21
C GLY A 106 -8.52 0.29 31.37
N ALA A 107 -8.87 -0.99 31.41
CA ALA A 107 -8.07 -2.04 30.79
C ALA A 107 -7.88 -1.90 29.28
N VAL A 108 -6.67 -2.18 28.82
CA VAL A 108 -6.36 -2.19 27.40
C VAL A 108 -6.97 -3.41 26.71
N ARG A 109 -7.50 -3.19 25.51
CA ARG A 109 -8.10 -4.27 24.73
C ARG A 109 -7.39 -4.38 23.40
N GLU A 110 -7.30 -5.59 22.85
CA GLU A 110 -6.72 -5.80 21.54
C GLU A 110 -7.65 -6.57 20.61
N LEU A 111 -7.59 -6.25 19.32
CA LEU A 111 -8.38 -6.95 18.32
C LEU A 111 -7.50 -7.21 17.11
N ALA A 112 -7.83 -8.22 16.33
CA ALA A 112 -7.08 -8.50 15.10
C ALA A 112 -7.91 -9.31 14.12
N GLY A 113 -7.53 -9.21 12.85
CA GLY A 113 -8.18 -9.99 11.82
C GLY A 113 -8.06 -9.31 10.48
N HIS A 114 -8.68 -9.91 9.47
CA HIS A 114 -8.56 -9.40 8.12
C HIS A 114 -9.71 -8.48 7.75
N ALA A 115 -9.44 -7.60 6.80
CA ALA A 115 -10.48 -6.75 6.22
C ALA A 115 -10.37 -6.81 4.70
N MSE A 116 -11.51 -6.93 4.04
CA MSE A 116 -11.60 -6.94 2.59
C MSE A 116 -12.33 -5.68 2.18
O MSE A 116 -13.37 -5.35 2.74
CB MSE A 116 -12.36 -8.21 2.12
CG MSE A 116 -12.34 -8.45 0.64
SE MSE A 116 -13.32 -10.07 0.18
CE MSE A 116 -14.99 -9.21 -0.18
N SER A 117 -11.79 -4.93 1.23
CA SER A 117 -12.43 -3.68 0.81
C SER A 117 -12.60 -3.62 -0.69
N ILE A 118 -13.59 -2.85 -1.12
CA ILE A 118 -13.79 -2.54 -2.53
C ILE A 118 -13.73 -1.03 -2.68
N PHE A 119 -12.91 -0.56 -3.62
CA PHE A 119 -12.73 0.86 -3.88
C PHE A 119 -13.30 1.19 -5.25
N ARG A 120 -13.71 2.44 -5.40
CA ARG A 120 -14.27 2.94 -6.64
C ARG A 120 -13.50 4.18 -7.07
N ARG A 121 -13.18 4.26 -8.36
CA ARG A 121 -12.50 5.43 -8.91
C ARG A 121 -13.48 6.34 -9.63
N SER A 122 -13.47 7.62 -9.26
CA SER A 122 -14.37 8.58 -9.89
C SER A 122 -13.88 8.98 -11.27
N MSE A 123 -14.72 9.69 -12.04
CA MSE A 123 -14.31 10.17 -13.36
C MSE A 123 -13.13 11.15 -13.30
O MSE A 123 -12.50 11.44 -14.32
CB MSE A 123 -15.50 10.79 -14.11
CG MSE A 123 -15.98 12.12 -13.53
SE MSE A 123 -17.38 12.95 -14.59
CE MSE A 123 -16.29 13.31 -16.14
N PHE A 124 -12.84 11.68 -12.11
CA PHE A 124 -11.70 12.57 -11.93
C PHE A 124 -10.45 11.85 -11.43
N GLY A 125 -10.55 10.53 -11.31
CA GLY A 125 -9.42 9.73 -10.90
C GLY A 125 -9.31 9.50 -9.40
N GLU A 126 -10.33 9.93 -8.64
CA GLU A 126 -10.30 9.88 -7.18
C GLU A 126 -10.75 8.52 -6.70
N TRP A 127 -9.86 7.83 -5.99
CA TRP A 127 -10.20 6.54 -5.41
C TRP A 127 -10.78 6.72 -4.02
N GLN A 128 -11.87 6.01 -3.76
CA GLN A 128 -12.48 6.05 -2.43
C GLN A 128 -12.96 4.67 -2.04
N LEU A 129 -13.02 4.41 -0.74
N LEU A 129 -13.02 4.44 -0.74
CA LEU A 129 -13.55 3.13 -0.27
CA LEU A 129 -13.62 3.21 -0.21
C LEU A 129 -15.08 3.09 -0.38
C LEU A 129 -15.11 3.20 -0.53
N ALA A 130 -15.59 2.09 -1.09
CA ALA A 130 -17.02 1.93 -1.37
C ALA A 130 -17.68 0.85 -0.52
N ARG A 131 -17.00 -0.26 -0.28
CA ARG A 131 -17.58 -1.33 0.50
C ARG A 131 -16.49 -1.94 1.35
N ASP A 132 -16.82 -2.33 2.57
CA ASP A 132 -15.83 -2.89 3.46
C ASP A 132 -16.41 -4.04 4.26
N ALA A 133 -15.63 -5.10 4.40
CA ALA A 133 -15.97 -6.20 5.29
C ALA A 133 -14.80 -6.35 6.25
N ASN A 134 -15.03 -6.03 7.51
CA ASN A 134 -13.97 -6.00 8.51
C ASN A 134 -14.19 -7.10 9.50
N LEU A 135 -13.28 -8.09 9.50
CA LEU A 135 -13.44 -9.27 10.33
C LEU A 135 -12.58 -9.23 11.58
N VAL A 136 -12.11 -8.05 11.96
N VAL A 136 -12.08 -8.06 11.95
CA VAL A 136 -11.37 -7.89 13.21
CA VAL A 136 -11.33 -7.99 13.20
C VAL A 136 -12.23 -8.33 14.41
C VAL A 136 -12.25 -8.42 14.34
N VAL A 137 -11.67 -9.18 15.25
CA VAL A 137 -12.38 -9.67 16.44
C VAL A 137 -11.45 -9.53 17.63
N PRO A 138 -12.02 -9.55 18.84
CA PRO A 138 -11.20 -9.48 20.04
C PRO A 138 -10.20 -10.63 20.10
N ILE A 139 -8.99 -10.34 20.55
CA ILE A 139 -8.00 -11.37 20.80
C ILE A 139 -7.57 -11.31 22.26
N GLY B 11 -24.32 -8.26 -21.74
CA GLY B 11 -24.99 -7.10 -21.18
C GLY B 11 -25.13 -7.19 -19.66
N ARG B 12 -25.49 -6.07 -19.04
CA ARG B 12 -25.60 -6.01 -17.59
C ARG B 12 -26.66 -6.97 -17.06
N HIS B 13 -27.81 -7.00 -17.72
CA HIS B 13 -28.93 -7.80 -17.26
C HIS B 13 -28.61 -9.29 -17.31
N ALA B 14 -28.05 -9.75 -18.42
CA ALA B 14 -27.63 -11.14 -18.54
C ALA B 14 -26.65 -11.50 -17.43
N ASP B 15 -25.71 -10.60 -17.16
CA ASP B 15 -24.70 -10.85 -16.15
C ASP B 15 -25.28 -10.98 -14.74
N GLU B 16 -26.26 -10.14 -14.42
CA GLU B 16 -26.89 -10.20 -13.11
C GLU B 16 -27.65 -11.51 -12.91
N LEU B 17 -28.34 -11.93 -13.97
CA LEU B 17 -29.04 -13.21 -13.97
C LEU B 17 -28.06 -14.35 -13.75
N ALA B 18 -26.94 -14.31 -14.47
CA ALA B 18 -25.92 -15.36 -14.35
C ALA B 18 -25.41 -15.44 -12.91
N ILE B 19 -25.19 -14.29 -12.29
CA ILE B 19 -24.74 -14.26 -10.90
C ILE B 19 -25.76 -14.83 -9.91
N ARG B 20 -27.02 -14.45 -10.05
CA ARG B 20 -28.07 -14.99 -9.18
C ARG B 20 -28.12 -16.51 -9.37
N THR B 21 -27.94 -16.97 -10.60
CA THR B 21 -27.93 -18.40 -10.87
C THR B 21 -26.77 -19.12 -10.15
N VAL B 22 -25.58 -18.54 -10.21
CA VAL B 22 -24.45 -19.09 -9.47
C VAL B 22 -24.77 -19.15 -7.98
N GLN B 23 -25.32 -18.08 -7.43
CA GLN B 23 -25.70 -18.06 -6.02
C GLN B 23 -26.72 -19.16 -5.68
N TYR B 24 -27.74 -19.34 -6.53
CA TYR B 24 -28.74 -20.39 -6.30
C TYR B 24 -28.11 -21.78 -6.35
N ARG B 25 -27.23 -21.99 -7.33
CA ARG B 25 -26.57 -23.28 -7.49
C ARG B 25 -25.65 -23.57 -6.31
N TRP B 26 -24.96 -22.54 -5.84
CA TRP B 26 -24.10 -22.69 -4.67
C TRP B 26 -24.93 -23.13 -3.46
N LEU B 27 -26.06 -22.46 -3.24
CA LEU B 27 -26.92 -22.83 -2.12
C LEU B 27 -27.43 -24.26 -2.23
N GLU B 28 -27.87 -24.64 -3.43
CA GLU B 28 -28.38 -25.98 -3.64
C GLU B 28 -27.31 -27.04 -3.39
N ALA B 29 -26.07 -26.72 -3.76
CA ALA B 29 -24.94 -27.63 -3.60
C ALA B 29 -24.39 -27.63 -2.18
N THR B 30 -24.99 -26.81 -1.31
CA THR B 30 -24.71 -26.85 0.12
C THR B 30 -25.81 -27.61 0.87
N ARG B 31 -27.06 -27.34 0.52
CA ARG B 31 -28.20 -28.04 1.11
C ARG B 31 -28.11 -29.53 0.86
N LYS B 32 -27.76 -29.87 -0.37
CA LYS B 32 -27.44 -31.24 -0.72
C LYS B 32 -26.02 -31.19 -1.27
N PHE B 33 -25.06 -31.63 -0.47
CA PHE B 33 -23.66 -31.38 -0.77
C PHE B 33 -23.23 -31.93 -2.12
N ASP B 34 -22.65 -31.07 -2.95
CA ASP B 34 -22.08 -31.49 -4.22
C ASP B 34 -20.73 -30.83 -4.44
N ARG B 35 -19.68 -31.59 -4.16
CA ARG B 35 -18.31 -31.09 -4.29
C ARG B 35 -18.03 -30.54 -5.69
N GLN B 36 -18.46 -31.27 -6.71
CA GLN B 36 -18.13 -30.86 -8.06
C GLN B 36 -18.81 -29.54 -8.45
N VAL B 37 -20.07 -29.38 -8.09
CA VAL B 37 -20.74 -28.10 -8.34
C VAL B 37 -19.99 -26.96 -7.66
N LEU B 38 -19.70 -27.09 -6.37
CA LEU B 38 -19.00 -26.02 -5.66
C LEU B 38 -17.64 -25.72 -6.29
N SER B 39 -16.86 -26.76 -6.57
CA SER B 39 -15.54 -26.58 -7.17
C SER B 39 -15.62 -25.76 -8.46
N SER B 40 -16.62 -26.07 -9.29
CA SER B 40 -16.76 -25.42 -10.58
C SER B 40 -17.16 -23.95 -10.46
N LEU B 41 -17.63 -23.57 -9.28
CA LEU B 41 -18.10 -22.19 -9.06
C LEU B 41 -17.06 -21.30 -8.39
N MSE B 42 -15.84 -21.81 -8.19
CA MSE B 42 -14.76 -21.02 -7.59
C MSE B 42 -13.55 -20.94 -8.52
O MSE B 42 -13.15 -21.93 -9.14
CB MSE B 42 -14.24 -21.70 -6.33
CG MSE B 42 -15.24 -22.14 -5.33
SE MSE B 42 -14.31 -23.21 -3.99
CE MSE B 42 -15.87 -24.17 -3.35
N THR B 43 -12.92 -19.76 -8.55
CA THR B 43 -11.62 -19.66 -9.21
C THR B 43 -10.58 -20.48 -8.43
N ASP B 44 -9.53 -20.92 -9.13
CA ASP B 44 -8.49 -21.71 -8.49
C ASP B 44 -7.78 -20.90 -7.41
N ASP B 45 -7.71 -19.59 -7.60
CA ASP B 45 -7.04 -18.73 -6.62
C ASP B 45 -7.99 -18.08 -5.61
N VAL B 46 -9.19 -18.64 -5.44
CA VAL B 46 -10.17 -18.08 -4.52
C VAL B 46 -9.59 -17.95 -3.11
N VAL B 47 -9.95 -16.88 -2.41
CA VAL B 47 -9.59 -16.69 -1.02
C VAL B 47 -10.87 -16.45 -0.21
N PHE B 48 -11.04 -17.25 0.85
CA PHE B 48 -12.15 -17.11 1.79
C PHE B 48 -11.68 -16.53 3.11
N LEU B 49 -12.44 -15.54 3.59
CA LEU B 49 -12.26 -14.96 4.92
C LEU B 49 -13.48 -15.24 5.79
N THR B 50 -13.24 -15.73 7.00
CA THR B 50 -14.29 -15.90 8.01
C THR B 50 -13.76 -15.42 9.35
N PRO B 51 -14.65 -15.08 10.29
CA PRO B 51 -14.15 -14.49 11.54
C PRO B 51 -13.32 -15.46 12.37
N GLY B 52 -12.17 -14.98 12.81
CA GLY B 52 -11.31 -15.71 13.72
C GLY B 52 -10.46 -16.76 13.05
N ARG B 53 -10.42 -16.75 11.72
CA ARG B 53 -9.67 -17.77 10.98
C ARG B 53 -8.73 -17.16 9.93
N LEU B 54 -7.60 -17.82 9.66
CA LEU B 54 -6.69 -17.38 8.60
C LEU B 54 -7.37 -17.54 7.24
N PRO B 55 -6.98 -16.69 6.28
CA PRO B 55 -7.54 -16.88 4.93
C PRO B 55 -7.28 -18.31 4.43
N PHE B 56 -8.24 -18.88 3.73
CA PHE B 56 -8.06 -20.22 3.15
C PHE B 56 -8.55 -20.29 1.71
N GLY B 57 -8.14 -21.34 1.01
CA GLY B 57 -8.37 -21.44 -0.43
C GLY B 57 -9.29 -22.59 -0.84
N LYS B 58 -9.25 -22.90 -2.13
CA LYS B 58 -10.21 -23.80 -2.77
C LYS B 58 -10.24 -25.21 -2.18
N GLU B 59 -9.11 -25.91 -2.16
CA GLU B 59 -9.14 -27.28 -1.64
C GLU B 59 -9.51 -27.31 -0.17
N GLU B 60 -9.02 -26.33 0.59
CA GLU B 60 -9.33 -26.25 2.02
C GLU B 60 -10.83 -26.09 2.21
N PHE B 61 -11.44 -25.21 1.43
CA PHE B 61 -12.88 -25.00 1.52
C PHE B 61 -13.65 -26.29 1.19
N LEU B 62 -13.29 -26.93 0.08
CA LEU B 62 -13.98 -28.13 -0.34
C LEU B 62 -13.84 -29.25 0.69
N ALA B 63 -12.64 -29.45 1.21
CA ALA B 63 -12.42 -30.49 2.22
C ALA B 63 -13.28 -30.25 3.46
N ALA B 64 -13.36 -29.00 3.89
CA ALA B 64 -14.12 -28.64 5.09
C ALA B 64 -15.61 -28.88 4.86
N CYS B 65 -16.11 -28.51 3.69
CA CYS B 65 -17.50 -28.71 3.36
C CYS B 65 -17.86 -30.20 3.36
N GLU B 66 -16.96 -30.99 2.80
CA GLU B 66 -17.17 -32.42 2.69
C GLU B 66 -17.23 -33.05 4.07
N GLN B 67 -16.29 -32.68 4.93
CA GLN B 67 -16.26 -33.18 6.29
C GLN B 67 -17.49 -32.73 7.06
N ASN B 68 -17.85 -31.45 6.92
CA ASN B 68 -19.06 -30.92 7.53
C ASN B 68 -20.28 -31.75 7.12
N ASP B 69 -20.39 -32.06 5.83
CA ASP B 69 -21.55 -32.78 5.34
C ASP B 69 -21.65 -34.19 5.91
N GLN B 70 -20.54 -34.79 6.30
CA GLN B 70 -20.60 -36.10 6.93
C GLN B 70 -21.26 -36.00 8.31
N ARG B 71 -21.12 -34.84 8.94
CA ARG B 71 -21.53 -34.62 10.33
C ARG B 71 -22.91 -33.99 10.47
N VAL B 72 -23.25 -33.10 9.54
CA VAL B 72 -24.46 -32.30 9.71
C VAL B 72 -25.25 -32.12 8.42
N ILE B 73 -26.53 -31.84 8.61
CA ILE B 73 -27.41 -31.40 7.55
C ILE B 73 -27.48 -29.88 7.57
N ILE B 74 -27.43 -29.25 6.41
CA ILE B 74 -27.47 -27.81 6.32
C ILE B 74 -28.72 -27.33 5.62
N GLU B 75 -29.42 -26.38 6.24
CA GLU B 75 -30.45 -25.61 5.57
C GLU B 75 -29.95 -24.19 5.45
N ALA B 76 -29.98 -23.63 4.26
CA ALA B 76 -29.45 -22.30 4.06
C ALA B 76 -30.45 -21.47 3.27
N SER B 77 -30.51 -20.21 3.66
CA SER B 77 -31.41 -19.23 3.06
C SER B 77 -30.58 -17.97 2.81
N ALA B 78 -30.91 -17.24 1.75
CA ALA B 78 -30.14 -16.06 1.41
C ALA B 78 -31.05 -14.99 0.81
N THR B 79 -30.69 -13.74 1.09
CA THR B 79 -31.33 -12.58 0.49
C THR B 79 -30.24 -11.73 -0.13
N PHE B 80 -30.36 -11.45 -1.41
CA PHE B 80 -29.37 -10.65 -2.08
C PHE B 80 -29.67 -9.18 -1.81
N GLU B 81 -28.70 -8.48 -1.26
CA GLU B 81 -28.89 -7.06 -0.96
C GLU B 81 -28.31 -6.15 -2.03
N GLU B 82 -27.31 -6.63 -2.76
CA GLU B 82 -26.66 -5.83 -3.79
C GLU B 82 -25.98 -6.75 -4.77
N ILE B 83 -26.08 -6.42 -6.05
CA ILE B 83 -25.28 -7.03 -7.10
C ILE B 83 -24.81 -5.90 -8.02
N VAL B 84 -23.49 -5.78 -8.20
CA VAL B 84 -22.95 -4.73 -9.08
C VAL B 84 -21.97 -5.37 -10.04
N ILE B 85 -22.21 -5.17 -11.34
CA ILE B 85 -21.31 -5.71 -12.36
C ILE B 85 -20.37 -4.63 -12.88
N VAL B 86 -19.07 -4.94 -12.85
CA VAL B 86 -18.05 -4.13 -13.53
C VAL B 86 -17.17 -5.10 -14.29
N GLU B 87 -17.65 -5.55 -15.44
CA GLU B 87 -17.03 -6.66 -16.15
C GLU B 87 -15.55 -6.41 -16.36
N PRO B 88 -14.73 -7.46 -16.20
CA PRO B 88 -15.12 -8.85 -15.95
C PRO B 88 -15.25 -9.19 -14.47
N MSE B 89 -15.58 -8.20 -13.64
CA MSE B 89 -15.80 -8.46 -12.21
C MSE B 89 -17.23 -8.14 -11.80
O MSE B 89 -17.94 -7.40 -12.47
CB MSE B 89 -14.84 -7.64 -11.35
CG MSE B 89 -13.41 -7.71 -11.79
SE MSE B 89 -12.78 -9.53 -12.02
CE MSE B 89 -12.89 -10.15 -10.18
N ALA B 90 -17.63 -8.70 -10.67
CA ALA B 90 -18.88 -8.33 -10.03
C ALA B 90 -18.69 -8.41 -8.53
N TYR B 91 -19.43 -7.59 -7.79
CA TYR B 91 -19.45 -7.76 -6.35
C TYR B 91 -20.87 -7.78 -5.83
N THR B 92 -21.06 -8.57 -4.78
CA THR B 92 -22.38 -8.79 -4.22
C THR B 92 -22.33 -8.66 -2.71
N ARG B 93 -23.50 -8.39 -2.11
CA ARG B 93 -23.69 -8.49 -0.68
C ARG B 93 -24.95 -9.31 -0.47
N THR B 94 -24.87 -10.27 0.45
CA THR B 94 -25.99 -11.15 0.73
CA THR B 94 -26.01 -11.11 0.74
C THR B 94 -26.19 -11.26 2.23
N HIS B 95 -27.44 -11.38 2.66
CA HIS B 95 -27.72 -11.74 4.03
C HIS B 95 -28.01 -13.23 4.05
N LEU B 96 -27.43 -13.94 5.00
CA LEU B 96 -27.60 -15.40 5.09
C LEU B 96 -28.17 -15.85 6.42
N HIS B 97 -28.95 -16.93 6.36
CA HIS B 97 -29.32 -17.66 7.57
C HIS B 97 -28.97 -19.12 7.32
N ILE B 98 -28.38 -19.77 8.32
CA ILE B 98 -28.02 -21.17 8.19
C ILE B 98 -28.56 -21.92 9.41
N LYS B 99 -29.21 -23.06 9.16
CA LYS B 99 -29.58 -23.94 10.25
C LYS B 99 -28.78 -25.23 10.09
N VAL B 100 -28.10 -25.62 11.16
CA VAL B 100 -27.23 -26.79 11.17
C VAL B 100 -27.86 -27.86 12.06
N THR B 101 -28.09 -29.03 11.50
CA THR B 101 -28.69 -30.13 12.24
C THR B 101 -27.71 -31.29 12.25
N PRO B 102 -27.05 -31.53 13.40
CA PRO B 102 -26.17 -32.70 13.49
C PRO B 102 -26.91 -33.99 13.22
N ARG B 103 -26.29 -34.86 12.43
CA ARG B 103 -26.88 -36.14 12.05
C ARG B 103 -27.03 -37.05 13.29
N SER B 104 -26.22 -36.76 14.30
CA SER B 104 -26.18 -37.55 15.54
C SER B 104 -27.31 -37.19 16.50
N GLY B 105 -28.04 -36.12 16.22
CA GLY B 105 -29.08 -35.65 17.11
C GLY B 105 -28.59 -34.60 18.09
N GLY B 106 -27.34 -34.16 17.90
CA GLY B 106 -26.77 -33.09 18.70
C GLY B 106 -27.49 -31.76 18.51
N ALA B 107 -27.05 -30.73 19.23
CA ALA B 107 -27.76 -29.47 19.22
C ALA B 107 -27.90 -28.86 17.81
N VAL B 108 -29.14 -28.56 17.44
CA VAL B 108 -29.40 -27.74 16.26
C VAL B 108 -28.82 -26.36 16.50
N ARG B 109 -28.14 -25.79 15.49
CA ARG B 109 -27.57 -24.46 15.60
C ARG B 109 -28.12 -23.55 14.53
N GLU B 110 -28.09 -22.24 14.81
CA GLU B 110 -28.44 -21.24 13.80
C GLU B 110 -27.30 -20.24 13.68
N LEU B 111 -27.04 -19.79 12.45
CA LEU B 111 -26.07 -18.74 12.18
C LEU B 111 -26.70 -17.72 11.25
N ALA B 112 -26.26 -16.48 11.34
CA ALA B 112 -26.76 -15.47 10.42
C ALA B 112 -25.75 -14.36 10.28
N GLY B 113 -25.89 -13.60 9.21
CA GLY B 113 -25.02 -12.48 8.98
C GLY B 113 -24.90 -12.24 7.51
N HIS B 114 -23.78 -11.66 7.10
CA HIS B 114 -23.64 -11.22 5.71
C HIS B 114 -22.41 -11.77 5.06
N ALA B 115 -22.48 -11.91 3.75
CA ALA B 115 -21.29 -12.21 2.97
C ALA B 115 -21.10 -11.17 1.87
N MSE B 116 -19.86 -10.75 1.67
CA MSE B 116 -19.52 -9.86 0.58
C MSE B 116 -18.64 -10.68 -0.34
O MSE B 116 -17.65 -11.27 0.09
CB MSE B 116 -18.78 -8.65 1.14
CG MSE B 116 -18.40 -7.60 0.12
SE MSE B 116 -17.58 -6.01 1.00
CE MSE B 116 -15.73 -6.55 0.86
N SER B 117 -19.00 -10.75 -1.62
CA SER B 117 -18.34 -11.63 -2.57
C SER B 117 -17.89 -10.88 -3.82
N ILE B 118 -16.77 -11.32 -4.37
CA ILE B 118 -16.28 -10.80 -5.63
C ILE B 118 -16.17 -11.96 -6.61
N PHE B 119 -16.77 -11.77 -7.78
CA PHE B 119 -16.79 -12.80 -8.83
C PHE B 119 -15.97 -12.32 -10.01
N ARG B 120 -15.40 -13.27 -10.73
CA ARG B 120 -14.62 -13.00 -11.94
C ARG B 120 -15.20 -13.81 -13.08
N ARG B 121 -15.32 -13.20 -14.25
CA ARG B 121 -15.86 -13.88 -15.41
C ARG B 121 -14.73 -14.57 -16.19
N SER B 122 -14.84 -15.89 -16.34
CA SER B 122 -13.83 -16.64 -17.11
C SER B 122 -14.04 -16.41 -18.60
N MSE B 123 -13.09 -16.84 -19.42
CA MSE B 123 -13.18 -16.59 -20.85
C MSE B 123 -14.33 -17.36 -21.50
O MSE B 123 -14.96 -16.86 -22.44
CB MSE B 123 -11.86 -16.89 -21.56
CG MSE B 123 -11.53 -15.89 -22.65
SE MSE B 123 -9.92 -14.86 -22.23
CE MSE B 123 -8.59 -16.26 -22.55
N PHE B 124 -14.60 -18.56 -21.00
CA PHE B 124 -15.79 -19.29 -21.43
C PHE B 124 -17.05 -18.62 -20.88
N GLY B 125 -16.86 -17.56 -20.10
CA GLY B 125 -17.96 -16.76 -19.61
C GLY B 125 -18.56 -17.24 -18.30
N GLU B 126 -17.84 -18.13 -17.61
CA GLU B 126 -18.33 -18.67 -16.35
C GLU B 126 -18.04 -17.69 -15.23
N TRP B 127 -19.09 -17.30 -14.51
CA TRP B 127 -18.91 -16.44 -13.35
C TRP B 127 -18.52 -17.31 -12.18
N GLN B 128 -17.36 -17.01 -11.60
CA GLN B 128 -16.88 -17.80 -10.48
C GLN B 128 -16.47 -16.92 -9.32
N LEU B 129 -16.68 -17.43 -8.12
CA LEU B 129 -16.28 -16.75 -6.90
C LEU B 129 -14.76 -16.63 -6.83
N ALA B 130 -14.26 -15.41 -6.64
CA ALA B 130 -12.82 -15.17 -6.56
C ALA B 130 -12.36 -14.76 -5.17
N ARG B 131 -13.18 -13.98 -4.48
CA ARG B 131 -12.86 -13.54 -3.12
C ARG B 131 -14.14 -13.47 -2.31
N ASP B 132 -14.11 -13.95 -1.08
CA ASP B 132 -15.30 -13.96 -0.25
C ASP B 132 -14.98 -13.56 1.16
N ALA B 133 -15.85 -12.74 1.75
CA ALA B 133 -15.79 -12.44 3.17
C ALA B 133 -17.13 -12.83 3.74
N ASN B 134 -17.14 -13.86 4.57
CA ASN B 134 -18.38 -14.37 5.12
C ASN B 134 -18.39 -14.11 6.61
N LEU B 135 -19.25 -13.20 7.04
CA LEU B 135 -19.23 -12.73 8.41
C LEU B 135 -20.32 -13.37 9.25
N VAL B 136 -20.90 -14.46 8.75
CA VAL B 136 -21.93 -15.17 9.51
C VAL B 136 -21.39 -15.62 10.88
N VAL B 137 -22.23 -15.47 11.92
CA VAL B 137 -21.86 -15.85 13.28
C VAL B 137 -23.02 -16.63 13.88
N PRO B 138 -22.73 -17.46 14.90
CA PRO B 138 -23.84 -18.10 15.62
C PRO B 138 -24.82 -17.09 16.19
N ILE B 139 -26.09 -17.44 16.14
CA ILE B 139 -27.11 -16.63 16.80
C ILE B 139 -27.92 -17.49 17.76
N GLY C 9 41.91 8.57 3.91
CA GLY C 9 41.74 7.43 4.80
C GLY C 9 41.65 6.13 4.04
N ALA C 10 42.56 5.20 4.34
CA ALA C 10 42.60 3.92 3.65
C ALA C 10 41.27 3.17 3.77
N GLY C 11 40.65 3.27 4.95
CA GLY C 11 39.38 2.63 5.24
C GLY C 11 38.24 3.16 4.39
N ARG C 12 38.10 4.48 4.35
CA ARG C 12 37.12 5.13 3.50
C ARG C 12 37.34 4.81 2.02
N HIS C 13 38.59 4.88 1.59
CA HIS C 13 38.87 4.57 0.18
C HIS C 13 38.46 3.14 -0.18
N ALA C 14 38.75 2.19 0.71
CA ALA C 14 38.41 0.80 0.44
C ALA C 14 36.90 0.60 0.42
N ASP C 15 36.18 1.27 1.32
CA ASP C 15 34.72 1.20 1.34
C ASP C 15 34.12 1.79 0.06
N GLU C 16 34.66 2.92 -0.39
CA GLU C 16 34.23 3.51 -1.65
C GLU C 16 34.47 2.55 -2.81
N LEU C 17 35.65 1.90 -2.82
CA LEU C 17 35.94 0.92 -3.87
C LEU C 17 34.92 -0.22 -3.85
N ALA C 18 34.60 -0.73 -2.67
CA ALA C 18 33.62 -1.80 -2.54
C ALA C 18 32.25 -1.39 -3.06
N ILE C 19 31.81 -0.18 -2.69
CA ILE C 19 30.49 0.30 -3.09
C ILE C 19 30.42 0.52 -4.60
N ARG C 20 31.44 1.17 -5.15
CA ARG C 20 31.46 1.38 -6.60
C ARG C 20 31.49 0.05 -7.33
N THR C 21 32.18 -0.93 -6.74
CA THR C 21 32.16 -2.28 -7.30
C THR C 21 30.75 -2.88 -7.35
N VAL C 22 29.99 -2.71 -6.26
CA VAL C 22 28.60 -3.18 -6.30
C VAL C 22 27.85 -2.47 -7.43
N GLN C 23 28.04 -1.15 -7.54
CA GLN C 23 27.33 -0.40 -8.57
C GLN C 23 27.66 -0.88 -9.99
N TYR C 24 28.95 -1.11 -10.25
CA TYR C 24 29.35 -1.60 -11.56
C TYR C 24 28.83 -3.01 -11.83
N ARG C 25 28.90 -3.89 -10.83
CA ARG C 25 28.39 -5.25 -11.01
C ARG C 25 26.89 -5.22 -11.28
N TRP C 26 26.19 -4.32 -10.60
CA TRP C 26 24.76 -4.16 -10.78
C TRP C 26 24.45 -3.76 -12.22
N LEU C 27 25.16 -2.75 -12.71
CA LEU C 27 24.94 -2.29 -14.08
C LEU C 27 25.20 -3.40 -15.10
N GLU C 28 26.28 -4.15 -14.90
CA GLU C 28 26.60 -5.21 -15.82
C GLU C 28 25.56 -6.33 -15.79
N ALA C 29 25.06 -6.65 -14.59
CA ALA C 29 24.08 -7.74 -14.46
C ALA C 29 22.69 -7.29 -14.88
N THR C 30 22.58 -6.03 -15.31
N THR C 30 22.57 -6.05 -15.34
CA THR C 30 21.35 -5.48 -15.89
CA THR C 30 21.32 -5.56 -15.92
C THR C 30 21.42 -5.48 -17.42
C THR C 30 21.40 -5.46 -17.45
N ARG C 31 22.56 -5.04 -17.96
CA ARG C 31 22.78 -5.04 -19.41
C ARG C 31 22.71 -6.46 -19.95
N LYS C 32 23.40 -7.36 -19.25
CA LYS C 32 23.33 -8.78 -19.58
C LYS C 32 22.77 -9.44 -18.33
N PHE C 33 21.48 -9.76 -18.38
CA PHE C 33 20.77 -10.14 -17.16
C PHE C 33 21.40 -11.34 -16.45
N ASP C 34 21.70 -11.15 -15.17
CA ASP C 34 22.25 -12.22 -14.35
C ASP C 34 21.60 -12.20 -12.97
N ARG C 35 20.60 -13.05 -12.79
CA ARG C 35 19.78 -13.05 -11.59
C ARG C 35 20.62 -13.37 -10.35
N GLN C 36 21.48 -14.38 -10.44
N GLN C 36 21.47 -14.39 -10.45
CA GLN C 36 22.27 -14.75 -9.27
CA GLN C 36 22.31 -14.78 -9.33
C GLN C 36 23.24 -13.65 -8.82
C GLN C 36 23.20 -13.65 -8.84
N VAL C 37 23.86 -12.96 -9.76
CA VAL C 37 24.73 -11.84 -9.39
C VAL C 37 23.91 -10.76 -8.71
N LEU C 38 22.81 -10.32 -9.34
CA LEU C 38 21.97 -9.28 -8.76
C LEU C 38 21.54 -9.64 -7.35
N SER C 39 21.11 -10.88 -7.16
CA SER C 39 20.61 -11.32 -5.86
C SER C 39 21.69 -11.14 -4.79
N SER C 40 22.94 -11.41 -5.16
CA SER C 40 24.02 -11.34 -4.19
C SER C 40 24.39 -9.90 -3.79
N LEU C 41 23.92 -8.92 -4.57
CA LEU C 41 24.34 -7.53 -4.37
C LEU C 41 23.40 -6.73 -3.48
N MSE C 42 22.25 -7.30 -3.13
CA MSE C 42 21.25 -6.55 -2.39
C MSE C 42 20.86 -7.31 -1.14
O MSE C 42 20.86 -8.55 -1.08
CB MSE C 42 20.01 -6.29 -3.27
CG MSE C 42 19.26 -7.53 -3.74
SE MSE C 42 17.91 -7.14 -5.12
CE MSE C 42 18.98 -7.39 -6.72
N THR C 43 20.52 -6.54 -0.11
CA THR C 43 20.08 -7.12 1.16
C THR C 43 18.72 -7.82 0.98
N ASP C 44 18.43 -8.78 1.84
CA ASP C 44 17.14 -9.46 1.74
C ASP C 44 15.98 -8.47 1.95
N ASP C 45 16.20 -7.45 2.78
CA ASP C 45 15.16 -6.46 3.10
C ASP C 45 15.17 -5.24 2.16
N VAL C 46 15.88 -5.36 1.03
CA VAL C 46 16.00 -4.24 0.11
C VAL C 46 14.63 -3.68 -0.27
N VAL C 47 14.60 -2.35 -0.44
CA VAL C 47 13.40 -1.67 -0.90
C VAL C 47 13.76 -0.78 -2.07
N PHE C 48 12.98 -0.91 -3.15
CA PHE C 48 13.13 -0.08 -4.35
C PHE C 48 11.94 0.87 -4.47
N LEU C 49 12.23 2.14 -4.74
CA LEU C 49 11.22 3.14 -4.98
C LEU C 49 11.41 3.70 -6.36
N THR C 50 10.29 3.86 -7.08
CA THR C 50 10.25 4.54 -8.37
C THR C 50 8.97 5.39 -8.44
N PRO C 51 8.95 6.40 -9.31
CA PRO C 51 7.79 7.31 -9.33
C PRO C 51 6.51 6.62 -9.78
N GLY C 52 5.41 6.86 -9.07
CA GLY C 52 4.13 6.34 -9.48
C GLY C 52 3.91 4.87 -9.19
N ARG C 53 4.69 4.29 -8.28
CA ARG C 53 4.58 2.87 -7.98
C ARG C 53 4.78 2.63 -6.50
N LEU C 54 4.15 1.57 -5.98
CA LEU C 54 4.41 1.12 -4.62
C LEU C 54 5.83 0.60 -4.48
N PRO C 55 6.38 0.66 -3.24
CA PRO C 55 7.72 0.14 -3.02
C PRO C 55 7.74 -1.34 -3.34
N PHE C 56 8.86 -1.82 -3.86
CA PHE C 56 8.98 -3.24 -4.06
C PHE C 56 10.27 -3.82 -3.50
N GLY C 57 10.24 -5.10 -3.22
CA GLY C 57 11.36 -5.77 -2.58
C GLY C 57 12.16 -6.68 -3.49
N LYS C 58 12.97 -7.53 -2.87
CA LYS C 58 13.95 -8.31 -3.60
C LYS C 58 13.34 -9.24 -4.65
N GLU C 59 12.41 -10.09 -4.24
CA GLU C 59 11.84 -11.04 -5.18
C GLU C 59 11.08 -10.31 -6.28
N GLU C 60 10.34 -9.25 -5.93
CA GLU C 60 9.59 -8.53 -6.94
C GLU C 60 10.55 -7.88 -7.94
N PHE C 61 11.64 -7.30 -7.44
CA PHE C 61 12.61 -6.67 -8.32
C PHE C 61 13.22 -7.70 -9.27
N LEU C 62 13.65 -8.85 -8.73
CA LEU C 62 14.29 -9.86 -9.56
C LEU C 62 13.32 -10.41 -10.60
N ALA C 63 12.08 -10.66 -10.19
CA ALA C 63 11.07 -11.17 -11.09
C ALA C 63 10.81 -10.18 -12.23
N ALA C 64 10.74 -8.91 -11.89
CA ALA C 64 10.50 -7.87 -12.89
C ALA C 64 11.67 -7.77 -13.87
N CYS C 65 12.89 -7.75 -13.34
CA CYS C 65 14.09 -7.72 -14.18
C CYS C 65 14.12 -8.87 -15.17
N GLU C 66 13.74 -10.04 -14.70
CA GLU C 66 13.75 -11.24 -15.51
C GLU C 66 12.70 -11.12 -16.61
N GLN C 67 11.50 -10.69 -16.23
CA GLN C 67 10.42 -10.48 -17.20
C GLN C 67 10.83 -9.43 -18.23
N ASN C 68 11.36 -8.32 -17.72
CA ASN C 68 11.83 -7.22 -18.56
C ASN C 68 12.88 -7.69 -19.57
N ASP C 69 13.82 -8.50 -19.12
CA ASP C 69 14.86 -9.06 -19.99
C ASP C 69 14.28 -9.91 -21.10
N GLN C 70 13.15 -10.57 -20.83
CA GLN C 70 12.53 -11.40 -21.86
C GLN C 70 11.93 -10.55 -22.96
N ARG C 71 11.64 -9.29 -22.64
CA ARG C 71 10.90 -8.43 -23.56
C ARG C 71 11.77 -7.37 -24.23
N VAL C 72 12.83 -6.92 -23.56
CA VAL C 72 13.63 -5.81 -24.06
C VAL C 72 15.14 -6.00 -23.87
N ILE C 73 15.90 -5.30 -24.71
CA ILE C 73 17.34 -5.16 -24.53
C ILE C 73 17.61 -3.82 -23.83
N ILE C 74 18.48 -3.84 -22.83
CA ILE C 74 18.76 -2.63 -22.05
C ILE C 74 20.20 -2.16 -22.23
N GLU C 75 20.36 -0.87 -22.52
CA GLU C 75 21.64 -0.19 -22.45
C GLU C 75 21.56 0.79 -21.30
N ALA C 76 22.61 0.85 -20.48
CA ALA C 76 22.60 1.74 -19.33
C ALA C 76 23.95 2.44 -19.23
N SER C 77 23.91 3.76 -19.11
CA SER C 77 25.11 4.56 -18.87
C SER C 77 24.97 5.30 -17.55
N ALA C 78 26.01 5.25 -16.73
CA ALA C 78 25.99 5.89 -15.42
C ALA C 78 27.05 6.95 -15.31
N THR C 79 26.68 8.06 -14.69
CA THR C 79 27.64 9.07 -14.26
C THR C 79 27.52 9.16 -12.75
N PHE C 80 28.58 8.78 -12.03
CA PHE C 80 28.56 8.78 -10.58
C PHE C 80 28.84 10.17 -10.02
N GLU C 81 28.01 10.59 -9.09
CA GLU C 81 28.12 11.95 -8.59
C GLU C 81 28.63 12.05 -7.16
N GLU C 82 28.29 11.07 -6.32
CA GLU C 82 28.68 11.10 -4.93
C GLU C 82 28.65 9.72 -4.29
N ILE C 83 29.59 9.47 -3.39
CA ILE C 83 29.47 8.42 -2.38
C ILE C 83 29.87 9.05 -1.05
N VAL C 84 29.03 8.87 -0.04
CA VAL C 84 29.32 9.34 1.30
C VAL C 84 29.22 8.15 2.25
N ILE C 85 30.28 7.91 3.02
N ILE C 85 30.26 7.92 3.03
CA ILE C 85 30.31 6.81 3.96
CA ILE C 85 30.23 6.80 3.96
C ILE C 85 30.03 7.32 5.38
C ILE C 85 30.07 7.26 5.39
N VAL C 86 29.06 6.70 6.05
CA VAL C 86 28.89 6.90 7.48
C VAL C 86 28.74 5.51 8.03
N GLU C 87 29.89 4.84 8.21
CA GLU C 87 29.89 3.40 8.43
C GLU C 87 29.03 3.05 9.63
N PRO C 88 28.23 1.98 9.53
CA PRO C 88 28.23 0.98 8.45
C PRO C 88 27.24 1.25 7.31
N MSE C 89 26.87 2.51 7.10
CA MSE C 89 26.03 2.85 5.95
C MSE C 89 26.77 3.72 4.97
O MSE C 89 27.83 4.27 5.29
CB MSE C 89 24.81 3.62 6.44
CG MSE C 89 24.36 3.09 7.76
SE MSE C 89 23.51 1.40 7.42
CE MSE C 89 21.84 2.24 7.09
N ALA C 90 26.22 3.84 3.78
CA ALA C 90 26.71 4.80 2.80
C ALA C 90 25.55 5.27 1.96
N TYR C 91 25.63 6.48 1.47
CA TYR C 91 24.65 6.94 0.49
C TYR C 91 25.31 7.50 -0.78
N THR C 92 24.63 7.30 -1.90
CA THR C 92 25.19 7.61 -3.22
C THR C 92 24.21 8.39 -4.08
N ARG C 93 24.75 9.07 -5.08
CA ARG C 93 23.94 9.69 -6.11
C ARG C 93 24.56 9.41 -7.46
N THR C 94 23.73 9.01 -8.41
CA THR C 94 24.17 8.62 -9.74
C THR C 94 23.19 9.15 -10.76
N HIS C 95 23.69 9.66 -11.88
CA HIS C 95 22.84 9.95 -13.02
C HIS C 95 22.85 8.75 -13.97
N LEU C 96 21.67 8.40 -14.47
CA LEU C 96 21.49 7.26 -15.36
C LEU C 96 20.84 7.68 -16.68
N HIS C 97 21.39 7.16 -17.77
CA HIS C 97 20.70 7.21 -19.06
C HIS C 97 20.46 5.78 -19.51
N ILE C 98 19.20 5.47 -19.82
CA ILE C 98 18.80 4.12 -20.16
C ILE C 98 18.16 4.11 -21.54
N LYS C 99 18.60 3.19 -22.39
CA LYS C 99 17.90 2.98 -23.64
C LYS C 99 17.26 1.60 -23.63
N VAL C 100 15.96 1.55 -23.92
CA VAL C 100 15.23 0.30 -23.93
C VAL C 100 14.77 -0.03 -25.35
N THR C 101 15.20 -1.19 -25.84
CA THR C 101 14.85 -1.61 -27.19
C THR C 101 13.98 -2.87 -27.13
N PRO C 102 12.69 -2.72 -27.46
CA PRO C 102 11.79 -3.88 -27.44
C PRO C 102 12.25 -4.96 -28.42
N ARG C 103 12.32 -6.19 -27.96
CA ARG C 103 12.68 -7.30 -28.84
C ARG C 103 11.61 -7.55 -29.91
N SER C 104 10.42 -7.00 -29.71
CA SER C 104 9.31 -7.18 -30.64
C SER C 104 9.48 -6.30 -31.88
N GLY C 105 10.35 -5.30 -31.77
CA GLY C 105 10.50 -4.32 -32.84
C GLY C 105 9.78 -3.02 -32.51
N GLY C 106 9.08 -3.01 -31.38
CA GLY C 106 8.41 -1.82 -30.91
C GLY C 106 9.35 -0.64 -30.75
N ALA C 107 8.78 0.53 -30.49
CA ALA C 107 9.54 1.77 -30.45
C ALA C 107 10.60 1.77 -29.34
N VAL C 108 11.83 2.10 -29.73
CA VAL C 108 12.89 2.32 -28.75
C VAL C 108 12.47 3.41 -27.78
N ARG C 109 12.75 3.21 -26.51
CA ARG C 109 12.42 4.17 -25.48
C ARG C 109 13.69 4.61 -24.78
N GLU C 110 13.76 5.88 -24.41
CA GLU C 110 14.88 6.35 -23.60
C GLU C 110 14.40 6.96 -22.30
N LEU C 111 15.16 6.73 -21.24
CA LEU C 111 14.87 7.27 -19.92
C LEU C 111 16.13 7.87 -19.32
N ALA C 112 15.95 8.85 -18.44
CA ALA C 112 17.10 9.43 -17.76
C ALA C 112 16.68 10.07 -16.47
N GLY C 113 17.63 10.20 -15.56
CA GLY C 113 17.36 10.81 -14.29
C GLY C 113 18.35 10.32 -13.26
N HIS C 114 18.14 10.78 -12.04
CA HIS C 114 19.05 10.45 -10.96
C HIS C 114 18.53 9.31 -10.11
N ALA C 115 19.46 8.59 -9.49
CA ALA C 115 19.13 7.56 -8.50
C ALA C 115 19.92 7.84 -7.23
N MSE C 116 19.26 7.67 -6.09
CA MSE C 116 19.87 7.82 -4.79
C MSE C 116 19.81 6.45 -4.13
O MSE C 116 18.74 5.83 -4.09
CB MSE C 116 19.11 8.86 -3.97
CG MSE C 116 19.84 9.37 -2.74
SE MSE C 116 18.71 10.63 -1.77
CE MSE C 116 17.79 9.24 -0.82
N SER C 117 20.94 5.95 -3.62
CA SER C 117 20.95 4.64 -3.00
C SER C 117 21.56 4.70 -1.62
N ILE C 118 21.15 3.76 -0.78
CA ILE C 118 21.74 3.58 0.53
C ILE C 118 22.28 2.15 0.56
N PHE C 119 23.56 2.04 0.96
CA PHE C 119 24.24 0.76 1.05
C PHE C 119 24.47 0.45 2.52
N ARG C 120 24.50 -0.83 2.85
CA ARG C 120 24.72 -1.28 4.21
C ARG C 120 25.89 -2.26 4.23
N ARG C 121 26.77 -2.09 5.21
CA ARG C 121 27.86 -3.02 5.41
C ARG C 121 27.49 -3.96 6.54
N SER C 122 27.49 -5.27 6.26
CA SER C 122 27.15 -6.23 7.30
C SER C 122 28.20 -6.21 8.42
N MSE C 123 27.88 -6.74 9.59
CA MSE C 123 28.87 -6.69 10.67
C MSE C 123 30.11 -7.52 10.33
O MSE C 123 31.13 -7.41 11.00
CB MSE C 123 28.26 -7.13 12.00
CG MSE C 123 27.84 -8.58 12.04
SE MSE C 123 27.30 -9.08 13.84
CE MSE C 123 29.04 -9.09 14.69
N PHE C 124 30.03 -8.30 9.27
CA PHE C 124 31.16 -9.09 8.83
C PHE C 124 31.86 -8.56 7.59
N GLY C 125 31.49 -7.36 7.16
CA GLY C 125 32.26 -6.63 6.17
C GLY C 125 31.72 -6.56 4.75
N GLU C 126 30.53 -7.12 4.52
CA GLU C 126 29.95 -7.21 3.19
C GLU C 126 29.08 -6.00 2.85
N TRP C 127 29.47 -5.24 1.81
CA TRP C 127 28.64 -4.11 1.35
C TRP C 127 27.59 -4.58 0.36
N GLN C 128 26.34 -4.18 0.59
CA GLN C 128 25.23 -4.49 -0.30
C GLN C 128 24.29 -3.31 -0.42
N LEU C 129 23.58 -3.24 -1.55
CA LEU C 129 22.53 -2.26 -1.71
C LEU C 129 21.38 -2.57 -0.76
N ALA C 130 20.94 -1.57 0.01
CA ALA C 130 19.82 -1.75 0.95
C ALA C 130 18.55 -0.97 0.55
N ARG C 131 18.71 0.25 0.05
CA ARG C 131 17.53 1.03 -0.31
C ARG C 131 17.85 1.80 -1.56
N ASP C 132 16.88 1.94 -2.47
CA ASP C 132 17.13 2.67 -3.70
C ASP C 132 15.94 3.52 -4.07
N ALA C 133 16.21 4.74 -4.50
CA ALA C 133 15.18 5.62 -5.06
C ALA C 133 15.65 6.00 -6.45
N ASN C 134 14.95 5.50 -7.46
CA ASN C 134 15.35 5.68 -8.83
C ASN C 134 14.35 6.58 -9.53
N LEU C 135 14.79 7.80 -9.87
CA LEU C 135 13.90 8.80 -10.45
C LEU C 135 14.00 8.91 -11.95
N VAL C 136 14.54 7.90 -12.62
CA VAL C 136 14.59 7.94 -14.08
CA VAL C 136 14.60 7.87 -14.07
C VAL C 136 13.19 7.98 -14.66
N VAL C 137 13.00 8.84 -15.65
CA VAL C 137 11.71 9.00 -16.29
C VAL C 137 11.91 9.05 -17.79
N PRO C 138 10.84 8.80 -18.54
CA PRO C 138 10.96 8.85 -20.00
C PRO C 138 11.44 10.21 -20.47
N ILE C 139 12.33 10.22 -21.46
CA ILE C 139 12.76 11.47 -22.08
C ILE C 139 12.49 11.43 -23.57
N ARG D 12 16.46 4.85 21.44
CA ARG D 12 15.94 4.40 20.15
C ARG D 12 14.66 5.14 19.79
N HIS D 13 13.60 4.90 20.56
CA HIS D 13 12.32 5.55 20.31
C HIS D 13 12.41 7.06 20.47
N ALA D 14 13.49 7.51 21.10
CA ALA D 14 13.70 8.95 21.33
C ALA D 14 14.26 9.64 20.10
N ASP D 15 15.29 9.04 19.50
CA ASP D 15 15.85 9.56 18.26
C ASP D 15 14.79 9.47 17.17
N GLU D 16 14.04 8.37 17.16
CA GLU D 16 12.93 8.23 16.21
C GLU D 16 11.92 9.34 16.42
N LEU D 17 11.56 9.59 17.67
CA LEU D 17 10.63 10.65 18.00
C LEU D 17 11.15 11.99 17.50
N ALA D 18 12.45 12.24 17.70
CA ALA D 18 13.03 13.52 17.28
C ALA D 18 12.95 13.69 15.77
N ILE D 19 13.17 12.60 15.04
CA ILE D 19 13.08 12.61 13.59
CA ILE D 19 13.08 12.67 13.60
C ILE D 19 11.64 12.84 13.14
N ARG D 20 10.69 12.13 13.76
CA ARG D 20 9.30 12.32 13.41
C ARG D 20 8.92 13.78 13.65
N THR D 21 9.38 14.33 14.78
CA THR D 21 9.06 15.73 15.11
C THR D 21 9.59 16.71 14.06
N VAL D 22 10.81 16.48 13.59
CA VAL D 22 11.32 17.29 12.49
C VAL D 22 10.45 17.17 11.25
N GLN D 23 10.08 15.94 10.87
CA GLN D 23 9.28 15.82 9.66
C GLN D 23 7.87 16.40 9.83
N TYR D 24 7.33 16.31 11.04
CA TYR D 24 6.01 16.93 11.30
C TYR D 24 6.13 18.45 11.21
N ARG D 25 7.19 19.00 11.77
CA ARG D 25 7.38 20.45 11.72
CA ARG D 25 7.43 20.44 11.72
C ARG D 25 7.61 20.90 10.29
N TRP D 26 8.31 20.10 9.50
CA TRP D 26 8.48 20.37 8.07
C TRP D 26 7.11 20.45 7.39
N LEU D 27 6.25 19.49 7.68
CA LEU D 27 4.88 19.48 7.17
C LEU D 27 4.12 20.73 7.57
N GLU D 28 4.22 21.10 8.84
CA GLU D 28 3.48 22.25 9.34
C GLU D 28 3.93 23.53 8.65
N ALA D 29 5.22 23.63 8.36
CA ALA D 29 5.82 24.82 7.76
C ALA D 29 5.59 24.86 6.25
N THR D 30 4.93 23.82 5.76
CA THR D 30 4.43 23.79 4.39
C THR D 30 2.95 24.15 4.37
N ARG D 31 2.19 23.64 5.34
CA ARG D 31 0.77 23.97 5.43
C ARG D 31 0.57 25.46 5.69
N LYS D 32 1.34 25.98 6.65
CA LYS D 32 1.42 27.41 6.92
C LYS D 32 2.86 27.83 6.70
N PHE D 33 3.15 28.38 5.52
CA PHE D 33 4.52 28.58 5.10
C PHE D 33 5.35 29.37 6.12
N ASP D 34 6.52 28.82 6.46
CA ASP D 34 7.47 29.52 7.33
C ASP D 34 8.89 29.24 6.84
N ARG D 35 9.45 30.23 6.16
CA ARG D 35 10.78 30.09 5.60
C ARG D 35 11.83 29.79 6.67
N GLN D 36 11.71 30.44 7.83
CA GLN D 36 12.72 30.26 8.89
C GLN D 36 12.69 28.85 9.46
N VAL D 37 11.50 28.30 9.66
CA VAL D 37 11.40 26.91 10.10
C VAL D 37 12.07 25.98 9.10
N LEU D 38 11.70 26.10 7.83
CA LEU D 38 12.26 25.20 6.82
C LEU D 38 13.78 25.34 6.71
N SER D 39 14.27 26.58 6.64
CA SER D 39 15.71 26.82 6.50
CA SER D 39 15.71 26.80 6.48
C SER D 39 16.50 26.10 7.58
N SER D 40 15.98 26.12 8.81
CA SER D 40 16.72 25.55 9.93
C SER D 40 16.72 24.02 9.93
N LEU D 41 15.89 23.42 9.09
CA LEU D 41 15.77 21.97 9.03
C LEU D 41 16.56 21.35 7.87
N MSE D 42 17.35 22.17 7.18
CA MSE D 42 18.16 21.70 6.05
C MSE D 42 19.63 22.01 6.26
O MSE D 42 19.99 23.12 6.67
CB MSE D 42 17.80 22.49 4.78
CG MSE D 42 16.50 22.15 4.14
SE MSE D 42 16.19 23.48 2.74
CE MSE D 42 14.42 24.00 3.33
N THR D 43 20.51 21.07 5.93
CA THR D 43 21.93 21.39 5.91
C THR D 43 22.20 22.37 4.78
N ASP D 44 23.27 23.15 4.89
CA ASP D 44 23.57 24.11 3.84
C ASP D 44 23.86 23.42 2.50
N ASP D 45 24.41 22.21 2.53
CA ASP D 45 24.74 21.48 1.31
C ASP D 45 23.66 20.49 0.86
N VAL D 46 22.44 20.66 1.37
CA VAL D 46 21.35 19.75 1.04
C VAL D 46 21.17 19.63 -0.49
N VAL D 47 20.84 18.43 -0.95
CA VAL D 47 20.53 18.17 -2.33
C VAL D 47 19.15 17.51 -2.41
N PHE D 48 18.27 18.10 -3.22
CA PHE D 48 16.93 17.57 -3.44
C PHE D 48 16.86 16.96 -4.83
N LEU D 49 16.29 15.76 -4.93
CA LEU D 49 15.99 15.11 -6.21
C LEU D 49 14.48 14.94 -6.34
N THR D 50 13.97 15.30 -7.52
CA THR D 50 12.56 15.09 -7.88
C THR D 50 12.52 14.63 -9.33
N PRO D 51 11.43 13.95 -9.73
CA PRO D 51 11.44 13.39 -11.09
C PRO D 51 11.41 14.47 -12.17
N GLY D 52 12.29 14.32 -13.15
CA GLY D 52 12.29 15.20 -14.31
C GLY D 52 13.00 16.52 -14.12
N ARG D 53 13.63 16.70 -12.96
CA ARG D 53 14.36 17.93 -12.64
C ARG D 53 15.80 17.64 -12.27
N LEU D 54 16.68 18.60 -12.54
CA LEU D 54 18.06 18.48 -12.07
C LEU D 54 18.08 18.61 -10.56
N PRO D 55 19.13 18.08 -9.92
CA PRO D 55 19.25 18.25 -8.47
C PRO D 55 19.29 19.73 -8.11
N PHE D 56 18.71 20.09 -6.97
CA PHE D 56 18.74 21.47 -6.51
C PHE D 56 19.01 21.56 -5.01
N GLY D 57 19.37 22.75 -4.55
CA GLY D 57 19.82 22.96 -3.19
C GLY D 57 18.92 23.86 -2.36
N LYS D 58 19.47 24.34 -1.25
CA LYS D 58 18.73 25.03 -0.20
C LYS D 58 18.02 26.30 -0.66
N GLU D 59 18.78 27.24 -1.20
CA GLU D 59 18.19 28.49 -1.63
C GLU D 59 17.14 28.26 -2.71
N GLU D 60 17.42 27.36 -3.67
CA GLU D 60 16.45 27.02 -4.70
C GLU D 60 15.15 26.45 -4.12
N PHE D 61 15.28 25.54 -3.17
CA PHE D 61 14.11 24.93 -2.55
C PHE D 61 13.29 26.01 -1.85
N LEU D 62 13.94 26.85 -1.07
CA LEU D 62 13.23 27.86 -0.31
C LEU D 62 12.53 28.84 -1.24
N ALA D 63 13.20 29.23 -2.32
CA ALA D 63 12.61 30.12 -3.30
C ALA D 63 11.34 29.50 -3.89
N ALA D 64 11.42 28.21 -4.23
CA ALA D 64 10.29 27.50 -4.81
C ALA D 64 9.12 27.45 -3.83
N CYS D 65 9.41 27.16 -2.57
CA CYS D 65 8.39 27.04 -1.54
C CYS D 65 7.65 28.36 -1.38
N GLU D 66 8.41 29.45 -1.39
CA GLU D 66 7.84 30.77 -1.17
C GLU D 66 6.96 31.14 -2.35
N GLN D 67 7.46 30.87 -3.55
CA GLN D 67 6.71 31.12 -4.77
C GLN D 67 5.41 30.31 -4.76
N ASN D 68 5.49 29.03 -4.39
CA ASN D 68 4.30 28.17 -4.32
C ASN D 68 3.27 28.70 -3.34
N ASP D 69 3.73 29.12 -2.18
CA ASP D 69 2.83 29.63 -1.16
C ASP D 69 2.04 30.86 -1.64
N GLN D 70 2.63 31.64 -2.54
CA GLN D 70 1.95 32.80 -3.09
C GLN D 70 0.79 32.37 -4.01
N ARG D 71 0.89 31.17 -4.54
CA ARG D 71 0.00 30.73 -5.62
C ARG D 71 -0.99 29.64 -5.19
N VAL D 72 -0.62 28.84 -4.19
CA VAL D 72 -1.45 27.71 -3.78
C VAL D 72 -1.44 27.50 -2.26
N ILE D 73 -2.48 26.83 -1.79
CA ILE D 73 -2.60 26.33 -0.43
C ILE D 73 -2.25 24.85 -0.46
N ILE D 74 -1.42 24.44 0.49
CA ILE D 74 -0.96 23.06 0.53
CA ILE D 74 -0.98 23.06 0.52
C ILE D 74 -1.47 22.36 1.80
N GLU D 75 -2.00 21.16 1.62
CA GLU D 75 -2.27 20.28 2.74
CA GLU D 75 -2.30 20.27 2.73
C GLU D 75 -1.49 18.99 2.51
N ALA D 76 -0.51 18.73 3.36
CA ALA D 76 0.33 17.56 3.17
C ALA D 76 0.19 16.60 4.34
N SER D 77 0.28 15.30 4.03
CA SER D 77 0.12 14.23 5.02
C SER D 77 1.25 13.24 4.79
N ALA D 78 1.72 12.61 5.86
CA ALA D 78 2.79 11.61 5.71
C ALA D 78 2.56 10.42 6.62
N THR D 79 2.87 9.23 6.10
CA THR D 79 3.01 8.01 6.88
C THR D 79 4.47 7.59 6.86
N PHE D 80 5.06 7.39 8.03
CA PHE D 80 6.43 6.91 8.12
C PHE D 80 6.45 5.40 7.91
N GLU D 81 7.17 4.95 6.90
CA GLU D 81 7.30 3.52 6.65
C GLU D 81 8.56 2.94 7.27
N GLU D 82 9.58 3.77 7.46
CA GLU D 82 10.85 3.34 8.02
C GLU D 82 11.61 4.53 8.61
N ILE D 83 12.21 4.32 9.77
CA ILE D 83 13.17 5.26 10.33
C ILE D 83 14.36 4.44 10.85
N VAL D 84 15.56 4.74 10.36
CA VAL D 84 16.76 4.05 10.81
C VAL D 84 17.79 5.08 11.26
N ILE D 85 18.34 4.89 12.46
CA ILE D 85 19.38 5.79 12.98
C ILE D 85 20.74 5.10 12.94
N VAL D 86 21.70 5.74 12.28
CA VAL D 86 23.09 5.32 12.37
C VAL D 86 23.92 6.58 12.65
N GLU D 87 23.97 6.98 13.91
CA GLU D 87 24.56 8.25 14.29
C GLU D 87 25.91 8.47 13.60
N PRO D 88 26.14 9.68 13.08
CA PRO D 88 25.27 10.87 13.18
C PRO D 88 24.34 11.02 11.99
N MSE D 89 24.00 9.91 11.34
CA MSE D 89 23.06 9.97 10.23
C MSE D 89 21.75 9.26 10.58
O MSE D 89 21.68 8.47 11.52
CB MSE D 89 23.67 9.42 8.92
CG MSE D 89 24.04 7.93 8.86
SE MSE D 89 23.76 7.19 7.05
CE MSE D 89 21.83 7.71 7.06
N ALA D 90 20.70 9.58 9.84
CA ALA D 90 19.47 8.80 9.91
C ALA D 90 18.89 8.77 8.51
N TYR D 91 18.10 7.75 8.22
CA TYR D 91 17.33 7.84 7.00
C TYR D 91 15.92 7.37 7.21
N THR D 92 15.03 7.90 6.41
CA THR D 92 13.62 7.59 6.52
C THR D 92 13.02 7.28 5.18
N ARG D 93 11.92 6.54 5.19
CA ARG D 93 11.05 6.39 4.02
C ARG D 93 9.66 6.82 4.46
N THR D 94 9.05 7.71 3.68
CA THR D 94 7.70 8.16 3.96
C THR D 94 6.81 7.98 2.72
N HIS D 95 5.52 7.74 2.96
CA HIS D 95 4.53 7.75 1.91
C HIS D 95 3.72 9.03 2.14
N LEU D 96 3.66 9.89 1.11
CA LEU D 96 3.07 11.22 1.22
C LEU D 96 1.79 11.34 0.43
N HIS D 97 0.90 12.20 0.91
CA HIS D 97 -0.22 12.70 0.13
C HIS D 97 -0.21 14.22 0.20
N ILE D 98 -0.44 14.87 -0.94
CA ILE D 98 -0.50 16.32 -0.99
C ILE D 98 -1.77 16.76 -1.70
N LYS D 99 -2.51 17.69 -1.09
CA LYS D 99 -3.65 18.32 -1.75
C LYS D 99 -3.26 19.77 -1.98
N VAL D 100 -3.39 20.21 -3.22
CA VAL D 100 -3.00 21.56 -3.63
C VAL D 100 -4.25 22.30 -4.07
N THR D 101 -4.53 23.41 -3.42
CA THR D 101 -5.69 24.22 -3.74
C THR D 101 -5.21 25.56 -4.31
N PRO D 102 -5.41 25.77 -5.61
CA PRO D 102 -4.92 27.05 -6.16
C PRO D 102 -5.69 28.25 -5.62
N ARG D 103 -4.98 29.32 -5.34
CA ARG D 103 -5.61 30.54 -4.84
C ARG D 103 -6.47 31.21 -5.91
N SER D 104 -6.26 30.83 -7.16
CA SER D 104 -7.09 31.28 -8.27
C SER D 104 -8.55 30.82 -8.15
N GLY D 105 -8.75 29.76 -7.36
CA GLY D 105 -10.05 29.10 -7.29
C GLY D 105 -10.20 28.00 -8.33
N GLY D 106 -9.13 27.71 -9.06
CA GLY D 106 -9.14 26.64 -10.04
C GLY D 106 -9.17 25.25 -9.42
N ALA D 107 -9.14 24.24 -10.27
CA ALA D 107 -9.22 22.85 -9.84
C ALA D 107 -8.18 22.48 -8.79
N VAL D 108 -8.64 21.75 -7.79
CA VAL D 108 -7.77 21.22 -6.74
C VAL D 108 -7.02 20.01 -7.31
N ARG D 109 -5.75 19.85 -6.91
CA ARG D 109 -4.93 18.76 -7.43
C ARG D 109 -4.40 17.92 -6.29
N GLU D 110 -4.23 16.63 -6.54
CA GLU D 110 -3.64 15.75 -5.54
C GLU D 110 -2.39 15.07 -6.09
N LEU D 111 -1.44 14.86 -5.19
CA LEU D 111 -0.21 14.13 -5.50
C LEU D 111 0.03 13.10 -4.44
N ALA D 112 0.74 12.04 -4.78
CA ALA D 112 1.10 11.02 -3.81
C ALA D 112 2.37 10.30 -4.23
N GLY D 113 2.99 9.62 -3.28
CA GLY D 113 4.18 8.84 -3.57
C GLY D 113 5.11 8.87 -2.40
N HIS D 114 6.37 8.55 -2.62
CA HIS D 114 7.30 8.34 -1.54
C HIS D 114 8.42 9.34 -1.51
N ALA D 115 8.97 9.53 -0.31
CA ALA D 115 10.23 10.23 -0.18
C ALA D 115 11.18 9.36 0.61
N MSE D 116 12.45 9.41 0.22
CA MSE D 116 13.51 8.77 0.96
C MSE D 116 14.45 9.90 1.35
O MSE D 116 14.92 10.68 0.50
CB MSE D 116 14.22 7.76 0.07
CG MSE D 116 15.28 6.94 0.77
SE MSE D 116 15.96 5.49 -0.46
CE MSE D 116 17.38 6.45 -1.34
N SER D 117 14.68 10.05 2.65
CA SER D 117 15.41 11.18 3.19
C SER D 117 16.57 10.78 4.07
N ILE D 118 17.66 11.53 3.96
CA ILE D 118 18.82 11.30 4.80
C ILE D 118 19.09 12.55 5.62
N PHE D 119 19.19 12.34 6.93
CA PHE D 119 19.41 13.42 7.89
C PHE D 119 20.80 13.31 8.51
N ARG D 120 21.36 14.46 8.86
CA ARG D 120 22.64 14.52 9.58
C ARG D 120 22.45 15.32 10.86
N ARG D 121 23.01 14.83 11.95
CA ARG D 121 22.85 15.45 13.26
C ARG D 121 23.98 16.43 13.52
N SER D 122 23.62 17.69 13.78
CA SER D 122 24.62 18.72 14.09
C SER D 122 25.16 18.54 15.52
N MSE D 123 26.20 19.30 15.84
CA MSE D 123 26.84 19.22 17.15
C MSE D 123 25.91 19.64 18.28
O MSE D 123 26.02 19.16 19.41
CB MSE D 123 28.11 20.07 17.20
CG MSE D 123 27.86 21.57 17.12
SE MSE D 123 29.24 22.62 18.02
CE MSE D 123 28.91 22.07 19.86
N PHE D 124 24.98 20.56 17.97
CA PHE D 124 24.04 21.02 18.95
C PHE D 124 22.85 20.06 19.08
N GLY D 125 22.85 19.03 18.23
CA GLY D 125 21.83 17.99 18.29
C GLY D 125 20.66 18.27 17.37
N GLU D 126 20.89 19.05 16.33
CA GLU D 126 19.82 19.34 15.38
C GLU D 126 19.85 18.35 14.22
N TRP D 127 18.77 17.58 14.08
CA TRP D 127 18.63 16.72 12.92
C TRP D 127 18.25 17.58 11.72
N GLN D 128 19.05 17.55 10.68
CA GLN D 128 18.78 18.36 9.50
C GLN D 128 18.80 17.50 8.23
N LEU D 129 17.89 17.81 7.31
CA LEU D 129 17.82 17.10 6.04
C LEU D 129 19.07 17.39 5.19
N ALA D 130 19.78 16.33 4.81
CA ALA D 130 21.00 16.47 4.00
C ALA D 130 20.80 16.00 2.55
N ARG D 131 20.01 14.96 2.34
CA ARG D 131 19.77 14.46 0.98
C ARG D 131 18.35 13.95 0.93
N ASP D 132 17.62 14.32 -0.12
CA ASP D 132 16.24 13.90 -0.26
C ASP D 132 15.94 13.45 -1.67
N ALA D 133 15.16 12.38 -1.77
CA ALA D 133 14.59 11.96 -3.05
C ALA D 133 13.09 11.93 -2.86
N ASN D 134 12.39 12.80 -3.57
CA ASN D 134 10.97 12.91 -3.41
C ASN D 134 10.30 12.50 -4.71
N LEU D 135 9.61 11.36 -4.68
CA LEU D 135 9.09 10.74 -5.90
C LEU D 135 7.61 10.99 -6.11
N VAL D 136 7.04 11.92 -5.35
CA VAL D 136 5.60 12.19 -5.49
C VAL D 136 5.24 12.59 -6.91
N VAL D 137 4.10 12.10 -7.37
CA VAL D 137 3.60 12.35 -8.71
C VAL D 137 2.13 12.73 -8.63
N PRO D 138 1.61 13.39 -9.66
CA PRO D 138 0.18 13.65 -9.71
C PRO D 138 -0.63 12.37 -9.67
N ILE D 139 -1.75 12.43 -8.97
CA ILE D 139 -2.72 11.34 -9.01
C ILE D 139 -4.10 11.93 -9.29
C1 GOL E . -11.80 0.31 8.10
O1 GOL E . -13.08 0.48 8.68
C2 GOL E . -11.46 -1.16 8.19
O2 GOL E . -12.68 -1.86 8.23
C3 GOL E . -10.66 -1.62 6.98
O3 GOL E . -11.04 -0.83 5.87
C1 GOL F . -20.36 -17.57 -0.57
O1 GOL F . -20.55 -16.19 -0.35
C2 GOL F . -20.28 -18.23 0.81
O2 GOL F . -20.06 -17.21 1.75
C3 GOL F . -19.10 -19.19 0.85
O3 GOL F . -18.92 -19.63 2.18
C1 GOL G . 20.60 1.76 -8.22
O1 GOL G . 20.07 2.92 -8.82
C2 GOL G . 19.61 0.61 -8.38
O2 GOL G . 20.32 -0.61 -8.33
C3 GOL G . 18.86 0.72 -9.70
O3 GOL G . 17.72 1.55 -9.53
C1 GOL H . 10.91 16.69 1.54
O1 GOL H . 10.50 15.94 0.42
C2 GOL H . 11.54 15.73 2.54
O2 GOL H . 10.94 14.48 2.35
C3 GOL H . 11.31 16.19 3.97
O3 GOL H . 11.85 15.24 4.86
#